data_5Y2D
#
_entry.id   5Y2D
#
_cell.length_a   128.880
_cell.length_b   128.880
_cell.length_c   184.536
_cell.angle_alpha   90.000
_cell.angle_beta   90.000
_cell.angle_gamma   120.000
#
_symmetry.space_group_name_H-M   'H 3 2'
#
loop_
_entity.id
_entity.type
_entity.pdbx_description
1 polymer 'Periplasmic serine endoprotease DegP-like'
2 polymer UNK-UNK-UNK
3 polymer UNK-UNK-UNK-UNK-UNK
4 polymer UNK-UNK-K-UNK-UNK-UNK-UNK-UNK-UNK-UNK
5 polymer UNK-UNK-UNK-UNK-UNK-UNK-UNK-UNK
6 polymer UNK-UNK-UNK-UNK-UNK-UNK-UNK-UNK-UNK-UNK-UNK
#
loop_
_entity_poly.entity_id
_entity_poly.type
_entity_poly.pdbx_seq_one_letter_code
_entity_poly.pdbx_strand_id
1 'polypeptide(L)'
;GPGYQDPGNIQIQSMPKVKERVSVPSKDDTIYSYHDSIKDSIKAVVNISTEKKIKNNFIGGGVFNDPFFQQFFGDLGGMI
PKERMERALGSGVIISKDGYIVTNNHVIDGADKIKVTIPGSNKEYSATLVGTDSESDLAVIRITKDNLPTIKFSDSNDIS
VGDLVFAIGNPFGVGESVTQGIVSALNKSGIGINSYENFIQTDASINPGNSGGALIDSRGGLVGINTAIISKTGGNHGIG
FAIPSNMVKDTVTQLIKTGKIERGYLGVGLQDLSGDLQNSYDNKEGAVVISVEKDSPAKKAGILVWDLITEVNGKKVKNT
NELRNLIGSMLPNQRVTLKVIRDKKERAFTLTLAERKNPNKKETISAQNGAQGQLNGLQVEDLTQETKRSMRLSDDVQGV
LVSQVNENSPAEQAGFRQGNIITKIEEVEVKSVADFNHALEKYKGKPKRFLVLDLNQGYRIILVK
;
A
2 'polypeptide(L)' AAA B
3 'polypeptide(L)' AAAAA C
4 'polypeptide(L)' AAKAAAAAAA D
5 'polypeptide(L)' AAAAAAAA E
6 'polypeptide(L)' AAAAAAAAAAA F
#
# COMPACT_ATOMS: atom_id res chain seq x y z
N GLU A 20 38.66 -13.95 -17.08
CA GLU A 20 37.71 -13.82 -18.16
C GLU A 20 36.45 -14.63 -17.87
N ARG A 21 35.40 -14.27 -18.59
CA ARG A 21 34.06 -14.85 -18.60
C ARG A 21 33.32 -14.79 -17.33
N VAL A 22 33.34 -15.92 -16.70
CA VAL A 22 32.64 -16.19 -15.42
C VAL A 22 31.78 -17.43 -15.40
N SER A 23 30.51 -17.29 -15.00
CA SER A 23 29.70 -18.46 -14.66
C SER A 23 28.34 -18.58 -15.37
N VAL A 24 27.74 -19.76 -15.14
CA VAL A 24 26.45 -20.25 -15.62
C VAL A 24 26.61 -21.75 -15.34
N PRO A 25 25.52 -22.52 -15.23
CA PRO A 25 25.76 -23.97 -15.17
C PRO A 25 26.22 -24.47 -16.54
N SER A 26 27.30 -25.25 -16.55
CA SER A 26 27.97 -25.66 -17.79
C SER A 26 27.24 -26.82 -18.49
N LYS A 27 26.90 -27.86 -17.79
CA LYS A 27 26.33 -28.99 -18.49
C LYS A 27 24.91 -28.87 -18.89
N ASP A 28 24.42 -29.86 -19.61
CA ASP A 28 23.05 -29.93 -20.08
C ASP A 28 22.20 -30.70 -19.09
N ASP A 29 22.79 -30.97 -17.92
CA ASP A 29 22.18 -31.83 -16.89
C ASP A 29 20.89 -31.18 -16.40
N THR A 30 21.01 -29.93 -15.92
CA THR A 30 19.87 -29.10 -15.55
C THR A 30 20.20 -27.68 -16.01
N ILE A 31 19.37 -26.69 -15.65
CA ILE A 31 19.74 -25.27 -15.82
C ILE A 31 19.05 -24.26 -14.90
N TYR A 32 19.63 -23.05 -14.79
CA TYR A 32 19.49 -22.15 -13.62
C TYR A 32 18.08 -21.82 -13.12
N SER A 33 17.17 -22.79 -13.16
CA SER A 33 15.80 -22.60 -12.74
C SER A 33 15.76 -22.24 -11.28
N TYR A 34 15.42 -20.98 -11.03
CA TYR A 34 15.15 -20.50 -9.68
C TYR A 34 13.95 -21.23 -9.11
N HIS A 35 13.25 -21.93 -9.99
CA HIS A 35 12.06 -22.72 -9.70
C HIS A 35 12.13 -23.44 -8.36
N ASP A 36 13.30 -24.00 -8.06
CA ASP A 36 13.56 -24.71 -6.80
C ASP A 36 13.30 -23.82 -5.57
N SER A 37 13.84 -22.60 -5.60
CA SER A 37 13.69 -21.67 -4.50
C SER A 37 12.35 -20.91 -4.52
N ILE A 38 11.81 -20.71 -5.74
CA ILE A 38 10.59 -19.92 -5.94
C ILE A 38 9.34 -20.69 -5.54
N LYS A 39 9.15 -21.88 -6.10
CA LYS A 39 7.89 -22.66 -6.03
C LYS A 39 7.38 -22.95 -4.64
N ASP A 40 8.28 -22.87 -3.66
CA ASP A 40 7.89 -22.92 -2.26
C ASP A 40 6.93 -21.76 -1.96
N SER A 41 7.37 -20.54 -2.27
CA SER A 41 6.58 -19.33 -2.05
C SER A 41 5.56 -19.04 -3.16
N ILE A 42 5.76 -19.63 -4.34
CA ILE A 42 4.79 -19.51 -5.44
C ILE A 42 3.46 -20.17 -5.02
N LYS A 43 3.60 -21.29 -4.30
CA LYS A 43 2.48 -21.98 -3.66
C LYS A 43 1.75 -21.07 -2.67
N ALA A 44 2.48 -20.11 -2.11
CA ALA A 44 1.90 -19.15 -1.17
C ALA A 44 1.12 -18.06 -1.87
N VAL A 45 1.37 -17.89 -3.16
CA VAL A 45 0.72 -16.82 -3.93
C VAL A 45 -0.59 -17.32 -4.55
N VAL A 46 -1.69 -16.66 -4.17
CA VAL A 46 -3.04 -17.01 -4.62
C VAL A 46 -3.68 -15.95 -5.50
N ASN A 47 -4.41 -16.43 -6.51
CA ASN A 47 -5.32 -15.59 -7.30
C ASN A 47 -6.49 -15.20 -6.42
N ILE A 48 -7.00 -13.99 -6.62
CA ILE A 48 -8.12 -13.53 -5.80
C ILE A 48 -9.18 -12.82 -6.68
N SER A 49 -9.79 -13.59 -7.59
CA SER A 49 -10.75 -13.05 -8.58
C SER A 49 -11.99 -12.34 -7.99
N GLU A 83 -7.19 -19.45 -20.59
CA GLU A 83 -7.35 -18.57 -19.45
C GLU A 83 -8.54 -17.60 -19.57
N ARG A 84 -9.50 -17.94 -20.45
CA ARG A 84 -10.71 -17.13 -20.67
C ARG A 84 -11.61 -17.14 -19.44
N MET A 85 -12.41 -16.07 -19.28
CA MET A 85 -13.07 -15.68 -18.00
C MET A 85 -12.01 -15.36 -16.93
N GLU A 86 -11.16 -14.41 -17.28
CA GLU A 86 -10.20 -13.84 -16.36
C GLU A 86 -10.69 -12.45 -15.99
N ARG A 87 -11.79 -12.41 -15.26
CA ARG A 87 -12.07 -11.26 -14.41
C ARG A 87 -11.59 -11.62 -13.01
N ALA A 88 -10.26 -11.56 -12.90
CA ALA A 88 -9.57 -11.67 -11.65
C ALA A 88 -9.05 -10.29 -11.30
N LEU A 89 -8.94 -10.04 -10.01
CA LEU A 89 -8.63 -8.72 -9.48
C LEU A 89 -7.12 -8.49 -9.47
N GLY A 90 -6.41 -9.56 -9.13
CA GLY A 90 -4.96 -9.55 -8.98
C GLY A 90 -4.65 -10.72 -8.05
N SER A 91 -3.54 -10.60 -7.35
CA SER A 91 -3.06 -11.68 -6.49
C SER A 91 -3.07 -11.34 -5.02
N GLY A 92 -2.69 -12.33 -4.21
CA GLY A 92 -2.56 -12.23 -2.78
C GLY A 92 -1.63 -13.31 -2.27
N VAL A 93 -0.99 -13.06 -1.14
CA VAL A 93 -0.15 -14.07 -0.54
C VAL A 93 -0.83 -14.55 0.72
N ILE A 94 -1.02 -15.87 0.79
CA ILE A 94 -1.39 -16.52 2.02
C ILE A 94 -0.22 -16.31 2.97
N ILE A 95 -0.50 -15.53 4.02
CA ILE A 95 0.47 -15.18 5.06
C ILE A 95 0.39 -16.14 6.26
N SER A 96 -0.83 -16.37 6.73
CA SER A 96 -1.12 -17.33 7.78
C SER A 96 -1.14 -18.72 7.20
N LYS A 97 -0.61 -19.68 7.95
CA LYS A 97 -0.83 -21.10 7.67
C LYS A 97 -2.33 -21.42 7.78
N ASP A 98 -2.99 -20.72 8.70
CA ASP A 98 -4.38 -20.99 9.07
C ASP A 98 -5.43 -20.48 8.06
N GLY A 99 -5.25 -19.27 7.53
CA GLY A 99 -6.15 -18.78 6.46
C GLY A 99 -6.11 -17.34 5.97
N TYR A 100 -5.39 -16.46 6.67
CA TYR A 100 -5.33 -15.03 6.31
C TYR A 100 -4.41 -14.81 5.11
N ILE A 101 -4.81 -13.90 4.22
CA ILE A 101 -4.10 -13.64 2.96
C ILE A 101 -3.87 -12.13 2.78
N VAL A 102 -2.60 -11.72 2.71
CA VAL A 102 -2.23 -10.34 2.37
C VAL A 102 -2.40 -10.10 0.89
N THR A 103 -2.65 -8.84 0.54
CA THR A 103 -2.77 -8.38 -0.86
C THR A 103 -2.75 -6.85 -0.81
N ASN A 104 -2.86 -6.21 -1.98
CA ASN A 104 -3.09 -4.76 -2.01
C ASN A 104 -4.56 -4.48 -1.72
N ASN A 105 -4.84 -3.28 -1.22
CA ASN A 105 -6.22 -2.82 -1.13
C ASN A 105 -6.79 -2.61 -2.52
N HIS A 106 -5.95 -2.16 -3.46
CA HIS A 106 -6.43 -1.83 -4.79
C HIS A 106 -6.89 -3.07 -5.53
N VAL A 107 -6.33 -4.21 -5.12
CA VAL A 107 -6.75 -5.51 -5.65
C VAL A 107 -8.21 -5.80 -5.27
N ILE A 108 -8.61 -5.37 -4.07
CA ILE A 108 -9.95 -5.69 -3.54
C ILE A 108 -10.98 -4.57 -3.64
N ASP A 109 -10.52 -3.31 -3.72
CA ASP A 109 -11.45 -2.18 -3.60
C ASP A 109 -12.48 -2.17 -4.73
N GLY A 110 -13.75 -1.99 -4.34
CA GLY A 110 -14.87 -2.02 -5.27
C GLY A 110 -15.53 -3.38 -5.42
N ALA A 111 -14.76 -4.45 -5.18
CA ALA A 111 -15.20 -5.83 -5.38
C ALA A 111 -16.30 -6.24 -4.42
N ASP A 112 -17.45 -6.58 -5.01
CA ASP A 112 -18.67 -6.95 -4.28
C ASP A 112 -18.65 -8.38 -3.75
N LYS A 113 -17.79 -9.22 -4.32
CA LYS A 113 -17.59 -10.61 -3.89
C LYS A 113 -16.18 -11.10 -4.27
N ILE A 114 -15.44 -11.61 -3.28
CA ILE A 114 -14.07 -12.09 -3.50
C ILE A 114 -13.95 -13.61 -3.48
N LYS A 115 -13.55 -14.17 -4.62
CA LYS A 115 -13.24 -15.59 -4.73
C LYS A 115 -11.73 -15.75 -4.90
N VAL A 116 -11.13 -16.48 -3.96
CA VAL A 116 -9.67 -16.71 -3.92
C VAL A 116 -9.33 -18.07 -4.49
N THR A 117 -8.60 -18.06 -5.60
CA THR A 117 -8.18 -19.28 -6.27
C THR A 117 -6.80 -19.68 -5.76
N ILE A 118 -6.71 -20.92 -5.27
CA ILE A 118 -5.50 -21.45 -4.64
C ILE A 118 -4.55 -22.16 -5.63
N PRO A 119 -3.26 -22.36 -5.23
CA PRO A 119 -2.30 -23.13 -6.03
C PRO A 119 -2.48 -24.66 -6.06
N GLY A 120 -3.29 -25.22 -5.16
CA GLY A 120 -3.62 -26.64 -5.16
C GLY A 120 -4.95 -26.93 -5.88
N SER A 121 -4.89 -26.92 -7.22
CA SER A 121 -6.06 -26.94 -8.13
C SER A 121 -7.01 -25.73 -7.99
N ASN A 122 -7.73 -25.45 -9.07
CA ASN A 122 -8.58 -24.25 -9.15
C ASN A 122 -9.91 -24.36 -8.38
N LYS A 123 -9.79 -24.35 -7.05
CA LYS A 123 -10.95 -24.41 -6.16
C LYS A 123 -11.13 -23.05 -5.47
N GLU A 124 -12.02 -22.22 -6.05
CA GLU A 124 -12.23 -20.83 -5.62
C GLU A 124 -12.80 -20.68 -4.20
N TYR A 125 -11.90 -20.60 -3.23
CA TYR A 125 -12.27 -20.43 -1.83
C TYR A 125 -12.75 -19.00 -1.60
N SER A 126 -13.96 -18.84 -1.05
CA SER A 126 -14.56 -17.49 -0.88
C SER A 126 -13.91 -16.73 0.27
N ALA A 127 -13.72 -15.43 0.06
CA ALA A 127 -12.97 -14.61 1.02
C ALA A 127 -13.73 -13.43 1.60
N THR A 128 -13.52 -13.23 2.89
CA THR A 128 -14.01 -12.04 3.58
C THR A 128 -12.84 -11.11 3.92
N LEU A 129 -13.06 -9.82 3.74
CA LEU A 129 -12.04 -8.80 3.98
C LEU A 129 -11.72 -8.71 5.47
N VAL A 130 -10.54 -9.20 5.84
CA VAL A 130 -10.01 -9.01 7.19
C VAL A 130 -9.72 -7.51 7.47
N GLY A 131 -9.34 -6.75 6.44
CA GLY A 131 -9.12 -5.31 6.63
C GLY A 131 -8.37 -4.60 5.52
N THR A 132 -8.81 -3.38 5.21
CA THR A 132 -8.33 -2.63 4.05
C THR A 132 -7.85 -1.21 4.40
N ASP A 133 -6.53 -1.06 4.56
CA ASP A 133 -5.90 0.25 4.64
C ASP A 133 -5.29 0.60 3.28
N SER A 134 -5.92 1.56 2.60
CA SER A 134 -5.49 2.01 1.28
C SER A 134 -4.24 2.89 1.32
N GLU A 135 -4.08 3.62 2.41
CA GLU A 135 -2.89 4.47 2.63
C GLU A 135 -1.62 3.64 2.56
N SER A 136 -1.68 2.42 3.10
CA SER A 136 -0.62 1.43 3.01
C SER A 136 -0.74 0.61 1.73
N ASP A 137 -1.90 0.73 1.09
CA ASP A 137 -2.37 -0.17 0.01
C ASP A 137 -2.14 -1.64 0.30
N LEU A 138 -2.59 -2.05 1.47
CA LEU A 138 -2.67 -3.45 1.82
C LEU A 138 -4.07 -3.85 2.27
N ALA A 139 -4.30 -5.15 2.24
CA ALA A 139 -5.59 -5.72 2.54
C ALA A 139 -5.41 -7.17 2.95
N VAL A 140 -6.18 -7.60 3.93
CA VAL A 140 -6.18 -9.01 4.33
C VAL A 140 -7.50 -9.67 3.96
N ILE A 141 -7.40 -10.93 3.58
CA ILE A 141 -8.51 -11.80 3.25
C ILE A 141 -8.37 -13.08 4.08
N ARG A 142 -9.46 -13.57 4.64
CA ARG A 142 -9.45 -14.95 5.11
C ARG A 142 -10.21 -15.80 4.11
N ILE A 143 -9.67 -17.00 3.90
CA ILE A 143 -10.43 -18.14 3.38
C ILE A 143 -10.49 -19.25 4.44
N THR A 144 -11.67 -19.84 4.58
CA THR A 144 -11.81 -21.06 5.36
C THR A 144 -11.14 -22.19 4.56
N LYS A 145 -9.92 -22.53 4.98
CA LYS A 145 -9.09 -23.57 4.35
C LYS A 145 -8.03 -24.08 5.33
N ASP A 146 -7.40 -25.20 4.96
CA ASP A 146 -6.44 -25.95 5.80
C ASP A 146 -5.17 -25.18 6.17
N ASN A 147 -4.17 -25.90 6.69
CA ASN A 147 -2.84 -25.35 6.89
C ASN A 147 -2.25 -25.01 5.50
N LEU A 148 -2.52 -23.77 5.09
CA LEU A 148 -2.17 -23.25 3.78
C LEU A 148 -0.68 -22.88 3.76
N PRO A 149 -0.09 -22.72 2.54
CA PRO A 149 1.30 -22.27 2.53
C PRO A 149 1.44 -20.86 3.13
N THR A 150 2.39 -20.71 4.06
CA THR A 150 2.63 -19.42 4.71
C THR A 150 3.54 -18.54 3.84
N ILE A 151 3.66 -17.27 4.22
CA ILE A 151 4.59 -16.34 3.58
C ILE A 151 6.03 -16.66 4.01
N LYS A 152 6.74 -15.67 4.57
CA LYS A 152 8.03 -15.85 5.22
C LYS A 152 8.55 -14.53 5.77
N PHE A 153 9.41 -14.66 6.79
CA PHE A 153 10.32 -13.61 7.16
C PHE A 153 11.21 -13.25 5.94
N SER A 154 10.90 -12.11 5.36
CA SER A 154 11.86 -11.39 4.54
C SER A 154 11.91 -10.09 5.31
N ASP A 155 13.03 -9.82 5.96
CA ASP A 155 13.15 -8.55 6.66
C ASP A 155 13.45 -7.48 5.62
N SER A 156 12.49 -6.59 5.44
CA SER A 156 12.58 -5.48 4.49
C SER A 156 13.76 -4.55 4.75
N ASN A 157 14.25 -4.52 5.99
CA ASN A 157 15.48 -3.83 6.30
C ASN A 157 16.67 -4.62 5.73
N ASP A 158 16.63 -5.95 5.91
CA ASP A 158 17.70 -6.84 5.48
C ASP A 158 17.92 -6.91 3.97
N ILE A 159 16.84 -6.69 3.20
CA ILE A 159 16.97 -6.63 1.74
C ILE A 159 17.64 -5.33 1.29
N SER A 160 18.41 -5.40 0.21
CA SER A 160 19.14 -4.23 -0.31
C SER A 160 19.20 -4.19 -1.84
N VAL A 161 19.43 -2.98 -2.39
CA VAL A 161 19.39 -2.75 -3.85
C VAL A 161 20.29 -3.76 -4.58
N GLY A 162 19.67 -4.65 -5.33
CA GLY A 162 20.39 -5.69 -6.05
C GLY A 162 20.14 -7.07 -5.50
N ASP A 163 19.32 -7.19 -4.44
CA ASP A 163 18.81 -8.49 -3.95
C ASP A 163 17.95 -9.16 -5.01
N LEU A 164 18.36 -10.32 -5.48
CA LEU A 164 17.51 -11.06 -6.38
C LEU A 164 16.19 -11.29 -5.68
N VAL A 165 15.13 -10.85 -6.37
CA VAL A 165 13.76 -10.86 -5.88
C VAL A 165 12.81 -11.24 -7.00
N PHE A 166 11.72 -11.91 -6.62
CA PHE A 166 10.75 -12.46 -7.57
C PHE A 166 9.38 -12.01 -7.21
N ALA A 167 8.78 -11.24 -8.10
CA ALA A 167 7.38 -10.91 -8.01
C ALA A 167 6.62 -12.13 -8.52
N ILE A 168 6.09 -12.90 -7.57
CA ILE A 168 5.17 -13.98 -7.88
C ILE A 168 3.76 -13.44 -7.74
N GLY A 169 2.99 -13.61 -8.79
CA GLY A 169 1.58 -13.27 -8.82
C GLY A 169 0.86 -14.51 -9.31
N ASN A 170 -0.44 -14.52 -9.04
CA ASN A 170 -1.34 -15.51 -9.57
C ASN A 170 -2.50 -14.76 -10.25
N PRO A 171 -2.47 -14.63 -11.58
CA PRO A 171 -3.57 -14.00 -12.30
C PRO A 171 -4.54 -14.98 -13.03
N PHE A 172 -4.89 -16.08 -12.36
CA PHE A 172 -5.80 -17.12 -12.88
C PHE A 172 -6.41 -17.89 -11.72
N GLY A 175 -2.69 -21.11 -12.29
CA GLY A 175 -1.77 -20.19 -12.99
C GLY A 175 -0.89 -19.29 -12.12
N GLU A 176 0.23 -19.84 -11.62
CA GLU A 176 1.32 -19.06 -10.99
C GLU A 176 2.10 -18.27 -12.02
N SER A 177 2.54 -17.07 -11.64
CA SER A 177 3.27 -16.15 -12.51
C SER A 177 4.39 -15.44 -11.76
N VAL A 178 5.62 -15.86 -12.00
CA VAL A 178 6.76 -15.26 -11.33
C VAL A 178 7.48 -14.42 -12.36
N THR A 179 7.71 -13.16 -12.01
CA THR A 179 8.61 -12.31 -12.77
C THR A 179 9.78 -11.97 -11.88
N GLN A 180 10.98 -12.02 -12.45
CA GLN A 180 12.23 -11.84 -11.70
C GLN A 180 12.91 -10.53 -12.03
N GLY A 181 13.47 -9.96 -10.97
CA GLY A 181 14.36 -8.82 -11.08
C GLY A 181 15.21 -8.73 -9.84
N ILE A 182 15.60 -7.52 -9.52
CA ILE A 182 16.38 -7.26 -8.34
C ILE A 182 15.69 -6.12 -7.64
N VAL A 183 15.98 -5.97 -6.37
CA VAL A 183 15.52 -4.82 -5.63
C VAL A 183 16.15 -3.61 -6.34
N SER A 184 15.29 -2.76 -6.91
CA SER A 184 15.74 -1.55 -7.63
C SER A 184 16.02 -0.37 -6.71
N ALA A 185 15.12 -0.10 -5.76
CA ALA A 185 15.30 0.99 -4.80
C ALA A 185 14.61 0.68 -3.48
N LEU A 186 14.98 1.42 -2.42
CA LEU A 186 14.34 1.28 -1.11
C LEU A 186 14.10 2.62 -0.41
N ASN A 187 12.83 2.95 -0.20
CA ASN A 187 12.42 4.28 0.32
C ASN A 187 11.72 4.26 1.69
N LYS A 188 12.00 5.31 2.48
CA LYS A 188 11.50 5.53 3.86
C LYS A 188 11.75 4.36 4.83
N GLU A 197 5.19 5.63 1.05
CA GLU A 197 6.54 6.12 1.26
C GLU A 197 7.58 4.98 1.43
N ASN A 198 7.29 4.03 2.32
CA ASN A 198 8.16 2.86 2.52
C ASN A 198 7.92 1.90 1.36
N PHE A 199 8.92 1.77 0.50
CA PHE A 199 8.79 1.07 -0.78
C PHE A 199 10.00 0.27 -1.24
N ILE A 200 9.73 -0.91 -1.78
CA ILE A 200 10.68 -1.58 -2.64
C ILE A 200 10.32 -1.24 -4.07
N GLN A 201 11.24 -0.56 -4.73
CA GLN A 201 11.23 -0.50 -6.17
C GLN A 201 12.07 -1.69 -6.58
N THR A 202 11.58 -2.41 -7.58
CA THR A 202 12.21 -3.62 -8.07
C THR A 202 11.97 -3.76 -9.57
N ASP A 203 12.83 -4.50 -10.26
CA ASP A 203 12.61 -4.67 -11.67
C ASP A 203 12.19 -6.10 -12.00
N ALA A 204 11.39 -6.64 -11.10
CA ALA A 204 10.61 -7.82 -11.38
C ALA A 204 9.29 -7.28 -11.86
N SER A 205 8.84 -7.69 -13.05
CA SER A 205 7.64 -7.13 -13.68
C SER A 205 6.51 -7.07 -12.67
N ILE A 206 6.29 -5.89 -12.10
CA ILE A 206 5.11 -5.69 -11.28
C ILE A 206 3.95 -5.20 -12.13
N ASN A 207 2.99 -6.11 -12.30
CA ASN A 207 1.84 -5.86 -13.13
C ASN A 207 0.61 -6.16 -12.30
N PRO A 208 -0.59 -5.68 -12.72
CA PRO A 208 -1.71 -5.83 -11.78
C PRO A 208 -1.99 -7.30 -11.50
N GLY A 209 -1.66 -8.15 -12.48
CA GLY A 209 -1.80 -9.60 -12.34
C GLY A 209 -0.91 -10.12 -11.23
N ASN A 210 0.29 -9.53 -11.16
CA ASN A 210 1.32 -9.86 -10.17
C ASN A 210 1.06 -9.19 -8.83
N SER A 211 0.57 -7.95 -8.89
CA SER A 211 0.26 -7.07 -7.78
C SER A 211 -0.53 -7.74 -6.68
N GLY A 212 -0.09 -7.55 -5.43
CA GLY A 212 -0.72 -8.17 -4.28
C GLY A 212 -0.11 -9.52 -3.96
N GLY A 213 0.48 -10.14 -4.98
CA GLY A 213 1.28 -11.34 -4.82
C GLY A 213 2.56 -11.08 -4.01
N ALA A 214 3.50 -12.01 -4.08
CA ALA A 214 4.70 -11.90 -3.29
C ALA A 214 5.82 -11.42 -4.16
N LEU A 215 6.60 -10.51 -3.60
CA LEU A 215 7.93 -10.27 -4.08
C LEU A 215 8.74 -11.03 -3.08
N ILE A 216 9.62 -11.90 -3.55
CA ILE A 216 10.40 -12.78 -2.69
C ILE A 216 11.89 -12.77 -3.02
N ASP A 217 12.74 -12.61 -2.01
CA ASP A 217 14.20 -12.86 -2.11
C ASP A 217 14.54 -14.32 -2.49
N SER A 218 15.73 -14.58 -3.03
CA SER A 218 16.09 -15.91 -3.60
C SER A 218 16.01 -17.14 -2.64
N ARG A 219 15.72 -16.90 -1.37
CA ARG A 219 15.50 -17.98 -0.40
C ARG A 219 14.00 -18.26 -0.29
N GLY A 220 13.24 -17.48 -1.05
CA GLY A 220 11.79 -17.62 -1.21
C GLY A 220 11.03 -16.72 -0.27
N GLY A 221 11.76 -15.89 0.46
CA GLY A 221 11.15 -15.16 1.54
C GLY A 221 10.55 -13.90 1.02
N LEU A 222 9.27 -13.70 1.35
CA LEU A 222 8.55 -12.46 1.09
C LEU A 222 9.34 -11.22 1.49
N VAL A 223 9.94 -10.54 0.51
CA VAL A 223 10.50 -9.20 0.71
C VAL A 223 9.43 -8.16 0.50
N GLY A 224 8.55 -8.41 -0.46
CA GLY A 224 7.48 -7.48 -0.72
C GLY A 224 6.16 -8.14 -1.01
N ILE A 225 5.11 -7.32 -0.91
CA ILE A 225 3.84 -7.60 -1.54
C ILE A 225 3.73 -6.60 -2.66
N ASN A 226 3.72 -7.14 -3.88
CA ASN A 226 3.70 -6.38 -5.12
C ASN A 226 2.57 -5.35 -5.17
N THR A 227 2.85 -4.18 -5.71
CA THR A 227 1.84 -3.17 -5.89
C THR A 227 1.88 -2.52 -7.28
N ALA A 228 0.83 -2.80 -8.09
CA ALA A 228 0.68 -2.22 -9.42
C ALA A 228 0.40 -0.75 -9.29
N ILE A 229 0.83 0.04 -10.28
CA ILE A 229 0.64 1.50 -10.28
C ILE A 229 0.36 2.12 -11.68
N ILE A 230 0.20 3.46 -11.69
CA ILE A 230 0.13 4.33 -12.89
C ILE A 230 -0.72 3.82 -14.05
N GLY A 238 8.94 -0.24 -16.76
CA GLY A 238 10.25 -0.58 -16.18
C GLY A 238 10.25 -0.84 -14.64
N ILE A 239 10.03 0.23 -13.88
CA ILE A 239 10.12 0.18 -12.41
C ILE A 239 8.83 -0.37 -11.81
N GLY A 240 9.00 -1.39 -10.97
CA GLY A 240 7.91 -2.05 -10.24
C GLY A 240 8.06 -1.95 -8.73
N PHE A 241 6.98 -1.61 -8.03
CA PHE A 241 7.03 -1.41 -6.57
C PHE A 241 6.35 -2.51 -5.81
N ALA A 242 6.96 -2.93 -4.70
CA ALA A 242 6.34 -3.82 -3.75
C ALA A 242 6.36 -3.18 -2.37
N ILE A 243 5.40 -3.55 -1.53
CA ILE A 243 5.34 -3.04 -0.16
C ILE A 243 6.16 -3.99 0.70
N PRO A 244 7.19 -3.45 1.39
CA PRO A 244 8.16 -4.16 2.22
C PRO A 244 7.52 -5.15 3.18
N SER A 245 8.08 -6.36 3.21
CA SER A 245 7.52 -7.46 3.99
C SER A 245 7.49 -7.21 5.49
N ASN A 246 8.02 -6.06 5.89
CA ASN A 246 7.86 -5.58 7.25
C ASN A 246 6.65 -4.66 7.33
N MET A 247 6.56 -3.69 6.43
CA MET A 247 5.36 -2.85 6.35
C MET A 247 4.13 -3.75 6.17
N VAL A 248 4.30 -4.86 5.45
CA VAL A 248 3.22 -5.83 5.30
C VAL A 248 2.98 -6.50 6.65
N LYS A 249 4.05 -7.05 7.25
CA LYS A 249 3.96 -7.74 8.54
C LYS A 249 3.29 -6.81 9.54
N ASP A 250 3.90 -5.64 9.75
CA ASP A 250 3.34 -4.60 10.60
C ASP A 250 1.84 -4.38 10.38
N THR A 251 1.46 -4.05 9.16
CA THR A 251 0.06 -3.74 8.84
C THR A 251 -0.85 -4.98 8.71
N VAL A 252 -0.28 -6.11 8.30
CA VAL A 252 -1.04 -7.37 8.17
C VAL A 252 -1.41 -7.91 9.54
N THR A 253 -0.45 -7.85 10.48
CA THR A 253 -0.74 -8.20 11.88
C THR A 253 -1.73 -7.20 12.47
N GLN A 254 -1.53 -5.91 12.20
CA GLN A 254 -2.43 -4.86 12.62
C GLN A 254 -3.83 -5.06 12.04
N LEU A 255 -3.91 -5.63 10.86
CA LEU A 255 -5.19 -5.85 10.19
C LEU A 255 -5.92 -7.10 10.68
N ILE A 256 -5.16 -8.13 11.04
CA ILE A 256 -5.71 -9.34 11.66
C ILE A 256 -6.31 -8.96 13.03
N LYS A 257 -5.54 -8.17 13.78
CA LYS A 257 -5.95 -7.63 15.07
C LYS A 257 -7.02 -6.55 14.86
N THR A 258 -6.62 -5.28 14.82
CA THR A 258 -7.52 -4.13 14.65
C THR A 258 -8.22 -4.19 13.29
N GLY A 259 -9.48 -3.74 13.24
CA GLY A 259 -10.33 -3.76 12.02
C GLY A 259 -9.57 -3.34 10.77
N LYS A 260 -9.10 -2.09 10.77
CA LYS A 260 -8.14 -1.60 9.79
C LYS A 260 -6.86 -1.13 10.51
N ILE A 261 -5.96 -0.47 9.77
CA ILE A 261 -4.73 0.10 10.35
C ILE A 261 -5.08 1.39 11.05
N GLU A 262 -4.97 1.43 12.36
CA GLU A 262 -5.30 2.63 13.06
C GLU A 262 -4.30 3.71 12.77
N ARG A 263 -4.78 4.88 12.44
CA ARG A 263 -3.95 6.04 12.17
C ARG A 263 -4.89 7.19 12.22
N GLY A 264 -4.46 8.31 12.78
CA GLY A 264 -5.34 9.43 12.94
C GLY A 264 -5.31 10.65 12.06
N TYR A 265 -6.46 11.31 11.99
CA TYR A 265 -6.65 12.49 11.17
C TYR A 265 -6.13 13.78 11.76
N LEU A 266 -6.62 14.87 11.23
CA LEU A 266 -6.19 16.17 11.65
C LEU A 266 -7.23 17.10 11.09
N SER A 291 -0.47 24.31 3.10
CA SER A 291 -1.75 23.93 2.53
C SER A 291 -2.58 23.12 3.51
N VAL A 292 -3.82 23.55 3.74
CA VAL A 292 -4.71 22.89 4.68
C VAL A 292 -6.15 22.88 4.22
N GLU A 293 -6.98 22.12 4.92
CA GLU A 293 -8.39 22.00 4.57
C GLU A 293 -9.35 21.93 5.74
N LYS A 294 -10.52 21.40 5.46
CA LYS A 294 -11.57 21.37 6.47
C LYS A 294 -12.14 20.05 6.93
N ASP A 295 -12.12 19.89 8.23
CA ASP A 295 -12.71 18.71 8.91
C ASP A 295 -12.92 19.01 10.41
N SER A 296 -12.96 17.98 11.26
CA SER A 296 -12.93 18.20 12.71
C SER A 296 -11.47 18.19 13.30
N PRO A 297 -11.00 17.12 14.01
CA PRO A 297 -9.82 17.08 14.93
C PRO A 297 -8.86 18.27 15.08
N ALA A 298 -8.58 18.99 13.99
CA ALA A 298 -7.87 20.28 14.03
C ALA A 298 -8.87 21.45 14.14
N LYS A 299 -10.16 21.10 14.27
CA LYS A 299 -11.25 22.03 14.57
C LYS A 299 -11.94 21.61 15.88
N LYS A 300 -12.16 20.30 16.03
CA LYS A 300 -12.69 19.66 17.25
C LYS A 300 -11.84 19.91 18.51
N ALA A 301 -10.54 20.15 18.31
CA ALA A 301 -9.59 20.48 19.38
C ALA A 301 -8.48 21.41 18.83
N GLY A 302 -8.89 22.55 18.28
CA GLY A 302 -7.99 23.55 17.69
C GLY A 302 -8.65 24.28 16.54
N ILE A 303 -7.86 25.07 15.81
CA ILE A 303 -8.31 25.83 14.63
C ILE A 303 -7.08 26.38 13.91
N LEU A 304 -6.44 25.55 13.10
CA LEU A 304 -5.20 25.90 12.43
C LEU A 304 -5.16 27.12 11.50
N VAL A 305 -4.56 28.19 11.99
CA VAL A 305 -4.40 29.40 11.23
C VAL A 305 -3.13 29.31 10.39
N TRP A 306 -2.98 30.21 9.42
CA TRP A 306 -1.84 30.32 8.47
C TRP A 306 -1.67 29.22 7.42
N ASP A 307 -2.56 28.24 7.42
CA ASP A 307 -2.63 27.11 6.51
C ASP A 307 -1.50 26.09 6.39
N LEU A 308 -0.25 26.51 6.36
CA LEU A 308 0.85 25.57 6.25
C LEU A 308 1.54 25.29 7.59
N ILE A 309 1.45 24.04 8.02
CA ILE A 309 1.98 23.60 9.28
C ILE A 309 3.37 23.02 9.20
N THR A 310 4.40 23.87 9.33
CA THR A 310 5.81 23.47 9.23
C THR A 310 6.18 22.19 9.90
N GLU A 311 6.09 22.14 11.21
CA GLU A 311 6.45 20.91 11.90
C GLU A 311 5.19 20.17 12.40
N VAL A 312 5.34 18.88 12.65
CA VAL A 312 4.29 18.05 13.24
C VAL A 312 4.84 17.37 14.49
N ASN A 313 4.35 17.82 15.65
CA ASN A 313 4.85 17.41 16.98
C ASN A 313 6.38 17.52 17.09
N GLY A 314 6.92 18.64 16.61
CA GLY A 314 8.35 18.94 16.69
C GLY A 314 9.19 18.52 15.50
N LYS A 315 8.57 17.76 14.58
CA LYS A 315 9.26 17.23 13.40
C LYS A 315 8.91 18.01 12.13
N LYS A 316 9.90 18.69 11.56
CA LYS A 316 9.72 19.53 10.36
C LYS A 316 9.17 18.76 9.15
N VAL A 317 8.25 19.39 8.43
CA VAL A 317 7.61 18.78 7.30
C VAL A 317 7.58 19.69 6.10
N LYS A 318 8.61 19.64 5.29
CA LYS A 318 8.64 20.52 4.13
C LYS A 318 8.28 19.80 2.85
N ASN A 319 7.23 18.98 2.88
CA ASN A 319 6.88 18.27 1.66
C ASN A 319 5.44 17.87 1.38
N THR A 320 4.60 18.86 1.13
CA THR A 320 3.20 18.63 0.76
C THR A 320 2.47 17.64 1.66
N ASN A 321 2.50 16.38 1.25
CA ASN A 321 1.85 15.34 2.00
C ASN A 321 2.86 14.47 2.69
N GLU A 322 3.86 15.13 3.24
CA GLU A 322 4.87 14.46 4.05
C GLU A 322 4.44 14.46 5.52
N LEU A 323 3.20 14.88 5.74
CA LEU A 323 2.50 15.00 6.98
C LEU A 323 1.42 13.97 6.93
N ARG A 324 0.86 13.69 5.77
CA ARG A 324 -0.16 12.66 5.65
C ARG A 324 0.45 11.37 6.13
N ASN A 325 1.77 11.25 5.97
CA ASN A 325 2.45 10.08 6.53
C ASN A 325 2.73 10.29 8.01
N LEU A 326 3.17 11.49 8.37
CA LEU A 326 3.53 11.82 9.76
C LEU A 326 2.32 11.79 10.67
N ILE A 327 1.26 12.51 10.31
CA ILE A 327 0.04 12.52 11.11
C ILE A 327 -0.63 11.15 11.07
N GLY A 328 -0.52 10.48 9.93
CA GLY A 328 -0.99 9.09 9.78
C GLY A 328 -0.33 8.14 10.76
N SER A 329 0.97 8.35 10.98
CA SER A 329 1.75 7.56 11.93
C SER A 329 1.20 7.67 13.36
N MET A 330 0.86 8.90 13.76
CA MET A 330 0.40 9.21 15.12
C MET A 330 -0.99 8.66 15.42
N LEU A 331 -1.02 7.41 15.81
CA LEU A 331 -2.21 6.65 16.13
C LEU A 331 -3.32 7.38 16.78
N PRO A 332 -4.40 7.65 16.05
CA PRO A 332 -5.62 8.35 16.41
C PRO A 332 -6.01 8.18 17.85
N ASN A 333 -6.15 9.28 18.58
CA ASN A 333 -6.48 9.27 20.00
C ASN A 333 -5.26 9.86 20.69
N GLN A 334 -4.25 10.10 19.88
CA GLN A 334 -2.95 10.67 20.23
C GLN A 334 -3.10 12.18 20.21
N ARG A 335 -2.07 12.88 20.67
CA ARG A 335 -2.01 14.32 20.59
C ARG A 335 -0.84 14.71 19.71
N VAL A 336 -1.03 15.73 18.88
CA VAL A 336 0.00 16.23 17.97
C VAL A 336 0.30 17.71 18.26
N THR A 337 1.51 18.15 17.96
CA THR A 337 1.93 19.53 18.24
C THR A 337 2.46 20.26 16.99
N LEU A 338 2.95 21.50 17.19
CA LEU A 338 3.52 22.40 16.14
C LEU A 338 2.55 22.78 15.00
N LYS A 339 2.27 24.08 14.88
CA LYS A 339 1.12 24.58 14.10
C LYS A 339 1.42 25.47 12.91
N VAL A 340 2.20 26.53 13.15
CA VAL A 340 2.75 27.43 12.11
C VAL A 340 1.76 27.89 11.05
N LYS A 345 4.86 30.91 15.54
CA LYS A 345 3.48 30.49 15.80
C LYS A 345 3.33 28.97 15.80
N GLU A 346 2.45 28.46 16.68
CA GLU A 346 2.19 27.01 16.88
C GLU A 346 1.02 26.73 17.83
N ARG A 347 0.48 25.50 17.78
CA ARG A 347 -0.48 24.94 18.78
C ARG A 347 -0.57 23.40 18.73
N ALA A 348 -1.18 22.77 19.74
CA ALA A 348 -1.27 21.30 19.83
C ALA A 348 -2.69 20.71 19.80
N PHE A 349 -2.85 19.60 19.07
CA PHE A 349 -4.15 18.96 18.80
C PHE A 349 -4.32 17.59 19.45
N THR A 350 -5.57 17.21 19.72
CA THR A 350 -5.94 15.83 20.03
C THR A 350 -6.72 15.25 18.85
N LEU A 351 -6.07 14.39 18.07
CA LEU A 351 -6.65 13.85 16.84
C LEU A 351 -7.55 12.64 16.96
N THR A 352 -8.15 12.26 15.84
CA THR A 352 -9.07 11.13 15.82
C THR A 352 -8.93 10.23 14.61
N LEU A 353 -9.63 9.09 14.65
CA LEU A 353 -9.63 8.05 13.62
C LEU A 353 -9.83 8.50 12.20
N ALA A 354 -9.31 7.71 11.26
CA ALA A 354 -9.39 8.03 9.86
C ALA A 354 -10.72 7.72 9.16
N GLU A 355 -10.66 7.30 7.91
CA GLU A 355 -11.88 7.07 7.19
C GLU A 355 -11.80 5.98 6.16
N ARG A 356 -12.92 5.81 5.45
CA ARG A 356 -13.03 4.86 4.37
C ARG A 356 -12.82 5.71 3.15
N LYS A 357 -11.64 5.57 2.55
CA LYS A 357 -11.22 6.34 1.37
C LYS A 357 -12.10 6.09 0.15
N ALA B 1 1.18 19.43 -0.03
CA ALA B 1 0.20 20.49 0.03
C ALA B 1 -1.21 20.01 -0.26
N ALA B 2 -1.96 19.65 0.80
CA ALA B 2 -3.32 19.17 0.67
C ALA B 2 -4.17 19.22 1.93
N ALA B 3 -5.27 18.48 1.90
CA ALA B 3 -6.27 18.42 2.97
C ALA B 3 -5.74 18.40 4.37
N ALA C 1 -15.03 13.90 -11.13
CA ALA C 1 -13.89 14.31 -11.99
C ALA C 1 -12.87 15.22 -11.24
N ALA C 2 -12.03 15.92 -12.02
CA ALA C 2 -10.84 16.62 -11.50
C ALA C 2 -11.01 18.15 -11.42
N ALA C 3 -10.02 18.80 -10.80
CA ALA C 3 -9.88 20.27 -10.64
C ALA C 3 -10.96 21.01 -9.81
N ALA C 4 -10.49 22.02 -9.06
CA ALA C 4 -11.27 22.94 -8.21
C ALA C 4 -10.26 23.73 -7.36
N ALA C 5 -10.12 25.04 -7.59
CA ALA C 5 -9.06 25.81 -6.92
C ALA C 5 -9.48 26.34 -5.54
N ALA D 1 -11.86 30.03 -7.80
CA ALA D 1 -12.39 30.28 -6.42
C ALA D 1 -11.42 31.15 -5.56
N ALA D 2 -11.65 31.23 -4.23
CA ALA D 2 -10.97 32.23 -3.35
C ALA D 2 -10.51 31.80 -1.94
N LYS D 3 -9.74 32.67 -1.28
CA LYS D 3 -9.19 32.46 0.05
C LYS D 3 -10.23 32.41 1.15
N ALA D 4 -11.27 33.21 1.05
CA ALA D 4 -12.39 33.18 1.99
C ALA D 4 -13.12 31.85 1.87
N ALA D 5 -14.04 31.75 0.91
CA ALA D 5 -14.71 30.48 0.50
C ALA D 5 -15.68 30.71 -0.65
N ALA D 6 -15.15 31.01 -1.85
CA ALA D 6 -15.94 31.09 -3.09
C ALA D 6 -16.47 29.70 -3.46
N ALA D 7 -17.80 29.55 -3.40
CA ALA D 7 -18.50 28.25 -3.37
C ALA D 7 -18.20 27.20 -4.46
N ALA D 8 -18.00 25.97 -3.98
CA ALA D 8 -17.95 24.78 -4.82
C ALA D 8 -19.19 23.95 -4.52
N ALA D 9 -20.23 24.20 -5.31
CA ALA D 9 -21.47 23.44 -5.23
C ALA D 9 -21.38 22.19 -6.13
N ALA D 10 -20.34 22.12 -6.97
CA ALA D 10 -20.13 21.03 -7.90
C ALA D 10 -19.39 19.86 -7.24
N ALA E 1 -25.98 26.41 -13.96
CA ALA E 1 -24.78 27.32 -14.01
C ALA E 1 -24.15 27.50 -12.63
N ALA E 2 -22.86 27.84 -12.62
CA ALA E 2 -22.11 28.03 -11.37
C ALA E 2 -21.30 29.35 -11.33
N ALA E 3 -21.51 30.10 -10.26
CA ALA E 3 -20.82 31.36 -10.02
C ALA E 3 -21.14 31.76 -8.60
N ALA E 4 -20.15 32.24 -7.84
CA ALA E 4 -20.39 32.62 -6.44
C ALA E 4 -19.75 33.93 -5.93
N ALA E 5 -19.51 33.98 -4.62
CA ALA E 5 -18.94 35.15 -3.96
C ALA E 5 -17.48 35.42 -4.28
N ALA E 6 -17.01 36.61 -3.90
CA ALA E 6 -15.62 37.04 -4.11
C ALA E 6 -15.20 38.26 -3.30
N ALA E 7 -15.64 38.34 -2.05
CA ALA E 7 -15.31 39.45 -1.18
C ALA E 7 -13.82 39.77 -1.08
N ALA E 8 -13.47 41.04 -0.98
CA ALA E 8 -12.05 41.39 -0.88
C ALA E 8 -11.73 42.27 0.32
N ALA F 1 -4.38 32.02 -1.66
CA ALA F 1 -4.97 33.17 -2.43
C ALA F 1 -4.78 34.58 -1.79
N ALA F 2 -4.50 34.62 -0.48
CA ALA F 2 -4.38 35.87 0.31
C ALA F 2 -3.10 36.69 0.04
N ALA F 3 -3.08 37.38 -1.11
CA ALA F 3 -1.94 38.19 -1.63
C ALA F 3 -0.58 37.46 -1.73
N ALA F 4 -0.63 36.21 -2.24
CA ALA F 4 0.56 35.41 -2.52
C ALA F 4 0.38 34.46 -3.72
N ALA F 5 -0.47 33.43 -3.56
CA ALA F 5 -0.61 32.33 -4.53
C ALA F 5 -1.83 31.43 -4.26
N ALA F 6 -2.26 30.68 -5.28
CA ALA F 6 -3.37 29.73 -5.17
C ALA F 6 -2.95 28.26 -5.38
N ALA F 7 -3.46 27.36 -4.55
CA ALA F 7 -3.21 25.92 -4.70
C ALA F 7 -4.42 25.25 -5.35
N ALA F 8 -4.16 24.33 -6.28
CA ALA F 8 -5.21 23.63 -6.99
C ALA F 8 -5.51 22.28 -6.38
N ALA F 9 -6.80 21.91 -6.37
CA ALA F 9 -7.27 20.58 -5.92
C ALA F 9 -7.47 19.60 -7.10
N ALA F 10 -8.20 18.52 -6.86
CA ALA F 10 -8.62 17.58 -7.90
C ALA F 10 -9.94 16.89 -7.52
N ALA F 11 -9.93 16.25 -6.34
CA ALA F 11 -10.99 15.35 -5.86
C ALA F 11 -11.30 14.23 -6.87
#